data_8IZS
#
_entry.id   8IZS
#
_cell.length_a   27.380
_cell.length_b   30.050
_cell.length_c   40.120
_cell.angle_alpha   78.40
_cell.angle_beta   78.12
_cell.angle_gamma   64.27
#
_symmetry.space_group_name_H-M   'P 1'
#
loop_
_entity.id
_entity.type
_entity.pdbx_description
1 polymer 'Collagen alpha-1(XVII) chain'
2 water water
#
_entity_poly.entity_id   1
_entity_poly.type   'polypeptide(L)'
_entity_poly.pdbx_seq_one_letter_code
;(ACE)P(HYP)GP(HYP)GEPGMRGLPGAVGP(HYP)GP(HYP)GP(HYP)G
;
_entity_poly.pdbx_strand_id   A,B,C,D,E,F
#
# COMPACT_ATOMS: atom_id res chain seq x y z
N PRO A 2 8.36 -33.83 -2.43
CA PRO A 2 9.15 -32.65 -2.79
C PRO A 2 8.43 -31.35 -2.45
N GLY A 4 6.76 -27.67 -2.68
CA GLY A 4 6.05 -27.00 -3.74
C GLY A 4 6.87 -25.89 -4.37
N PRO A 5 6.34 -25.26 -5.43
CA PRO A 5 7.05 -24.16 -6.10
C PRO A 5 7.00 -22.88 -5.28
N GLY A 7 6.18 -19.08 -4.09
CA GLY A 7 4.96 -18.29 -4.18
C GLY A 7 5.08 -17.21 -5.23
N GLU A 8 3.94 -16.60 -5.54
CA GLU A 8 3.92 -15.49 -6.48
C GLU A 8 4.68 -14.31 -5.92
N PRO A 9 5.27 -13.48 -6.77
CA PRO A 9 5.90 -12.26 -6.27
C PRO A 9 4.90 -11.36 -5.57
N GLY A 10 5.42 -10.57 -4.64
CA GLY A 10 4.57 -9.70 -3.87
C GLY A 10 3.94 -8.59 -4.69
N MET A 11 2.91 -8.01 -4.10
CA MET A 11 2.18 -6.90 -4.68
C MET A 11 3.07 -5.66 -4.78
N ARG A 12 2.90 -4.88 -5.84
CA ARG A 12 3.60 -3.61 -5.88
C ARG A 12 3.06 -2.69 -4.79
N GLY A 13 3.96 -1.91 -4.20
CA GLY A 13 3.56 -1.00 -3.15
C GLY A 13 2.63 0.09 -3.64
N LEU A 14 1.96 0.73 -2.68
CA LEU A 14 1.08 1.84 -2.99
C LEU A 14 1.85 3.02 -3.58
N PRO A 15 1.17 3.87 -4.35
CA PRO A 15 1.85 5.04 -4.93
C PRO A 15 2.25 6.04 -3.86
N GLY A 16 3.32 6.79 -4.16
CA GLY A 16 3.82 7.77 -3.22
C GLY A 16 2.93 8.98 -3.11
N ALA A 17 3.16 9.75 -2.05
CA ALA A 17 2.36 10.94 -1.77
C ALA A 17 2.70 12.05 -2.76
N VAL A 18 1.70 12.89 -3.04
CA VAL A 18 1.95 14.09 -3.82
C VAL A 18 2.98 14.96 -3.11
N GLY A 19 3.84 15.61 -3.89
CA GLY A 19 4.89 16.43 -3.32
C GLY A 19 4.33 17.62 -2.54
N PRO A 20 5.18 18.21 -1.69
CA PRO A 20 4.78 19.44 -1.00
C PRO A 20 4.63 20.60 -1.97
N GLY A 22 5.20 24.15 -3.72
CA GLY A 22 6.43 24.87 -3.96
C GLY A 22 6.58 26.05 -3.03
N PRO A 23 7.76 26.67 -3.02
CA PRO A 23 8.02 27.85 -2.21
C PRO A 23 7.27 29.06 -2.74
N GLY A 25 6.66 32.67 -4.51
CA GLY A 25 7.31 33.25 -5.66
C GLY A 25 8.27 34.38 -5.30
N PRO A 26 8.93 34.97 -6.30
CA PRO A 26 9.79 36.12 -6.08
C PRO A 26 8.97 37.34 -5.66
N GLY A 28 7.36 41.23 -5.47
CA GLY A 28 6.83 42.18 -6.42
C GLY A 28 7.71 43.42 -6.47
N PRO B 2 1.99 -27.63 -2.65
CA PRO B 2 1.26 -26.37 -2.77
C PRO B 2 2.21 -25.22 -3.05
N GLY B 4 4.12 -21.74 -2.59
CA GLY B 4 4.52 -20.99 -1.42
C GLY B 4 3.66 -19.76 -1.23
N PRO B 5 3.78 -19.12 -0.05
CA PRO B 5 3.04 -17.89 0.20
C PRO B 5 3.46 -16.80 -0.77
N GLY B 7 4.83 -13.23 -1.95
CA GLY B 7 5.81 -12.35 -1.35
C GLY B 7 5.14 -11.19 -0.66
N GLU B 8 5.89 -10.47 0.17
CA GLU B 8 5.36 -9.30 0.84
C GLU B 8 5.22 -8.14 -0.14
N PRO B 9 4.27 -7.24 0.09
CA PRO B 9 4.14 -6.08 -0.80
C PRO B 9 5.38 -5.20 -0.74
N GLY B 10 5.61 -4.47 -1.83
CA GLY B 10 6.63 -3.45 -1.81
C GLY B 10 6.24 -2.29 -0.91
N MET B 11 7.22 -1.49 -0.52
CA MET B 11 6.85 -0.35 0.30
C MET B 11 6.24 0.74 -0.56
N ARG B 12 5.69 1.75 0.09
CA ARG B 12 5.10 2.87 -0.64
C ARG B 12 6.17 3.58 -1.47
N GLY B 13 5.72 4.14 -2.60
CA GLY B 13 6.63 4.87 -3.46
C GLY B 13 7.18 6.11 -2.79
N LEU B 14 8.23 6.64 -3.41
CA LEU B 14 8.84 7.87 -2.93
C LEU B 14 7.83 9.01 -2.98
N PRO B 15 7.88 9.95 -2.03
CA PRO B 15 7.04 11.15 -2.12
C PRO B 15 7.42 11.93 -3.37
N GLY B 16 6.47 12.68 -3.89
CA GLY B 16 6.75 13.53 -5.02
C GLY B 16 7.70 14.66 -4.66
N ALA B 17 8.33 15.22 -5.68
CA ALA B 17 9.22 16.34 -5.46
C ALA B 17 8.44 17.59 -5.06
N VAL B 18 9.14 18.51 -4.38
CA VAL B 18 8.54 19.80 -4.07
C VAL B 18 8.16 20.51 -5.35
N GLY B 19 7.01 21.18 -5.32
CA GLY B 19 6.50 21.88 -6.46
C GLY B 19 7.37 23.07 -6.82
N PRO B 20 7.09 23.71 -7.95
CA PRO B 20 7.87 24.86 -8.39
C PRO B 20 7.50 26.13 -7.64
N GLY B 22 6.11 29.80 -6.69
CA GLY B 22 4.90 30.52 -7.08
C GLY B 22 5.20 31.68 -8.00
N PRO B 23 4.14 32.40 -8.42
CA PRO B 23 4.31 33.56 -9.29
C PRO B 23 4.90 34.73 -8.51
N GLY B 25 5.27 38.28 -6.63
CA GLY B 25 4.33 39.00 -5.81
C GLY B 25 3.75 40.23 -6.50
N PRO B 26 2.78 40.88 -5.86
CA PRO B 26 2.08 42.03 -6.40
C PRO B 26 2.96 43.28 -6.36
N PRO C 2 4.76 -30.13 1.11
CA PRO C 2 5.11 -28.91 1.86
C PRO C 2 4.93 -27.69 0.97
N GLY C 4 5.66 -24.32 -0.97
CA GLY C 4 6.93 -23.87 -1.47
C GLY C 4 7.47 -22.68 -0.68
N PRO C 5 8.67 -22.23 -1.06
CA PRO C 5 9.30 -21.05 -0.47
C PRO C 5 8.47 -19.81 -0.75
N GLY C 7 7.23 -16.17 -2.04
CA GLY C 7 7.52 -15.43 -3.26
C GLY C 7 8.46 -14.27 -2.97
N GLU C 8 9.02 -13.68 -4.03
CA GLU C 8 9.91 -12.55 -3.86
C GLU C 8 9.14 -11.32 -3.40
N PRO C 9 9.81 -10.37 -2.74
CA PRO C 9 9.13 -9.14 -2.33
C PRO C 9 8.62 -8.36 -3.52
N GLY C 10 7.55 -7.61 -3.31
CA GLY C 10 7.02 -6.79 -4.37
C GLY C 10 7.89 -5.57 -4.64
N MET C 11 7.67 -5.00 -5.81
CA MET C 11 8.33 -3.76 -6.19
C MET C 11 7.84 -2.60 -5.33
N ARG C 12 8.73 -1.66 -5.04
CA ARG C 12 8.30 -0.43 -4.39
C ARG C 12 7.32 0.30 -5.30
N GLY C 13 6.38 1.01 -4.68
CA GLY C 13 5.35 1.71 -5.44
C GLY C 13 5.93 2.83 -6.29
N LEU C 14 5.07 3.35 -7.16
CA LEU C 14 5.48 4.44 -8.05
C LEU C 14 5.62 5.74 -7.27
N PRO C 15 6.50 6.63 -7.71
CA PRO C 15 6.69 7.89 -6.98
C PRO C 15 5.46 8.77 -7.07
N GLY C 16 5.33 9.66 -6.09
CA GLY C 16 4.25 10.61 -6.10
C GLY C 16 4.44 11.70 -7.13
N ALA C 17 3.34 12.37 -7.45
CA ALA C 17 3.38 13.48 -8.38
C ALA C 17 4.16 14.64 -7.78
N VAL C 18 4.77 15.45 -8.66
CA VAL C 18 5.38 16.69 -8.21
C VAL C 18 4.31 17.57 -7.57
N GLY C 19 4.69 18.28 -6.51
CA GLY C 19 3.77 19.07 -5.74
C GLY C 19 3.24 20.26 -6.51
N PRO C 20 2.16 20.87 -6.02
CA PRO C 20 1.61 22.05 -6.70
C PRO C 20 2.56 23.24 -6.61
N GLY C 22 3.99 26.99 -5.68
CA GLY C 22 3.89 27.79 -4.47
C GLY C 22 2.93 28.96 -4.58
N PRO C 23 2.67 29.64 -3.46
CA PRO C 23 1.81 30.83 -3.45
C PRO C 23 2.54 32.00 -4.11
N GLY C 25 4.56 35.47 -4.43
CA GLY C 25 5.59 36.01 -3.58
C GLY C 25 5.10 37.19 -2.77
N PRO C 26 5.99 37.76 -1.94
CA PRO C 26 5.63 38.92 -1.13
C PRO C 26 5.44 40.18 -1.97
N GLY C 28 5.49 44.22 -3.29
CA GLY C 28 6.52 45.24 -3.38
C GLY C 28 6.20 46.36 -2.42
N PRO D 2 -10.99 32.36 3.38
CA PRO D 2 -11.08 31.11 4.15
C PRO D 2 -10.04 30.10 3.69
N GLY D 4 -8.48 26.59 2.14
CA GLY D 4 -8.89 25.82 0.99
C GLY D 4 -9.71 24.61 1.38
N PRO D 5 -10.30 23.95 0.38
CA PRO D 5 -11.08 22.73 0.65
C PRO D 5 -10.19 21.61 1.17
N GLY D 7 -8.32 18.00 1.31
CA GLY D 7 -7.75 17.15 0.27
C GLY D 7 -8.59 15.92 0.01
N GLU D 8 -8.21 15.17 -1.03
CA GLU D 8 -8.89 13.93 -1.33
C GLU D 8 -8.69 12.95 -0.18
N PRO D 9 -9.68 12.11 0.12
CA PRO D 9 -9.46 11.07 1.13
C PRO D 9 -8.36 10.11 0.69
N GLY D 10 -7.63 9.60 1.67
CA GLY D 10 -6.51 8.72 1.38
C GLY D 10 -6.96 7.40 0.77
N MET D 11 -5.99 6.74 0.15
CA MET D 11 -6.24 5.46 -0.49
C MET D 11 -6.42 4.38 0.57
N ARG D 12 -7.28 3.41 0.28
CA ARG D 12 -7.39 2.26 1.17
C ARG D 12 -6.05 1.51 1.20
N GLY D 13 -5.70 0.98 2.36
CA GLY D 13 -4.47 0.23 2.48
C GLY D 13 -4.47 -1.01 1.61
N LEU D 14 -3.27 -1.58 1.45
CA LEU D 14 -3.14 -2.83 0.73
C LEU D 14 -3.83 -3.95 1.51
N PRO D 15 -4.40 -4.94 0.81
CA PRO D 15 -5.02 -6.07 1.52
C PRO D 15 -4.02 -6.85 2.34
N GLY D 16 -4.51 -7.46 3.41
CA GLY D 16 -3.68 -8.26 4.27
C GLY D 16 -3.15 -9.50 3.57
N ALA D 17 -2.15 -10.12 4.20
CA ALA D 17 -1.54 -11.31 3.64
C ALA D 17 -2.54 -12.45 3.66
N VAL D 18 -2.50 -13.29 2.62
CA VAL D 18 -3.39 -14.44 2.58
C VAL D 18 -2.92 -15.39 3.69
N GLY D 19 -3.86 -16.02 4.37
CA GLY D 19 -3.55 -16.75 5.59
C GLY D 19 -2.50 -17.83 5.40
N PRO D 20 -1.83 -18.28 6.47
CA PRO D 20 -1.00 -19.46 6.20
C PRO D 20 -1.82 -20.63 5.66
N GLY D 22 -3.28 -24.42 5.02
CA GLY D 22 -3.64 -25.42 6.02
C GLY D 22 -2.63 -26.55 6.11
N PRO D 23 -2.50 -27.15 7.30
CA PRO D 23 -1.56 -28.27 7.47
C PRO D 23 -2.05 -29.51 6.77
N GLY D 25 -3.36 -33.34 6.35
CA GLY D 25 -4.23 -34.14 7.18
C GLY D 25 -3.49 -35.27 7.88
N PRO D 26 -4.21 -36.06 8.69
CA PRO D 26 -3.59 -37.21 9.36
C PRO D 26 -3.41 -38.39 8.40
N GLY D 28 -3.90 -42.30 6.76
CA GLY D 28 -5.05 -43.15 6.53
C GLY D 28 -4.93 -44.49 7.25
N PRO E 2 -5.71 27.17 -1.42
CA PRO E 2 -5.41 25.95 -2.19
C PRO E 2 -6.02 24.71 -1.58
N GLY E 4 -6.32 21.11 0.03
CA GLY E 4 -5.43 20.40 0.92
C GLY E 4 -4.76 19.23 0.25
N PRO E 5 -3.71 18.70 0.89
CA PRO E 5 -3.05 17.49 0.40
C PRO E 5 -3.91 16.25 0.59
N GLY E 7 -5.22 12.54 1.76
CA GLY E 7 -5.15 11.84 3.02
C GLY E 7 -4.07 10.78 3.04
N GLU E 8 -3.69 10.37 4.24
CA GLU E 8 -2.72 9.30 4.38
C GLU E 8 -3.34 7.98 3.94
N PRO E 9 -2.57 7.09 3.32
CA PRO E 9 -3.10 5.77 2.99
C PRO E 9 -3.41 4.98 4.24
N GLY E 10 -4.36 4.06 4.13
CA GLY E 10 -4.65 3.18 5.23
C GLY E 10 -3.54 2.18 5.45
N MET E 11 -3.54 1.60 6.65
CA MET E 11 -2.57 0.56 6.95
C MET E 11 -2.93 -0.72 6.18
N ARG E 12 -1.94 -1.60 6.05
CA ARG E 12 -2.19 -2.87 5.42
C ARG E 12 -3.22 -3.67 6.24
N GLY E 13 -4.01 -4.46 5.53
CA GLY E 13 -4.98 -5.30 6.19
C GLY E 13 -4.32 -6.32 7.09
N LEU E 14 -5.12 -6.88 7.98
CA LEU E 14 -4.66 -7.92 8.88
C LEU E 14 -4.45 -9.23 8.12
N PRO E 15 -3.60 -10.12 8.65
CA PRO E 15 -3.37 -11.40 7.96
C PRO E 15 -4.61 -12.28 7.97
N GLY E 16 -4.74 -13.10 6.94
CA GLY E 16 -5.81 -14.06 6.90
C GLY E 16 -5.60 -15.19 7.88
N ALA E 17 -6.69 -15.90 8.16
CA ALA E 17 -6.62 -17.07 9.04
C ALA E 17 -5.96 -18.25 8.34
N VAL E 18 -5.32 -19.11 9.14
CA VAL E 18 -4.77 -20.35 8.62
C VAL E 18 -5.88 -21.18 7.99
N GLY E 19 -5.57 -21.83 6.87
CA GLY E 19 -6.52 -22.68 6.20
C GLY E 19 -6.83 -23.93 7.00
N PRO E 20 -7.96 -24.58 6.70
CA PRO E 20 -8.37 -25.79 7.42
C PRO E 20 -7.43 -26.96 7.18
N GLY E 22 -5.98 -30.56 6.11
CA GLY E 22 -6.34 -31.44 5.02
C GLY E 22 -7.05 -32.70 5.48
N PRO E 23 -7.58 -33.46 4.53
CA PRO E 23 -8.25 -34.72 4.86
C PRO E 23 -7.25 -35.81 5.22
N GLY E 25 -5.19 -39.40 4.87
CA GLY E 25 -4.67 -40.10 3.71
C GLY E 25 -5.51 -41.31 3.36
N PRO E 26 -5.22 -41.95 2.23
CA PRO E 26 -5.91 -43.18 1.83
C PRO E 26 -5.52 -44.35 2.72
N PRO F 2 -5.36 30.15 3.71
CA PRO F 2 -4.45 29.05 3.99
C PRO F 2 -4.82 27.77 3.25
N GLY F 4 -5.98 24.02 2.41
CA GLY F 4 -6.99 23.18 3.02
C GLY F 4 -6.37 22.13 3.90
N PRO F 5 -7.16 21.59 4.85
CA PRO F 5 -6.61 20.49 5.64
C PRO F 5 -6.45 19.24 4.79
N GLY F 7 -6.76 15.44 3.35
CA GLY F 7 -7.92 14.58 3.21
C GLY F 7 -8.00 13.56 4.33
N GLU F 8 -9.15 12.91 4.46
CA GLU F 8 -9.33 11.95 5.53
C GLU F 8 -8.40 10.76 5.33
N PRO F 9 -7.97 10.11 6.42
CA PRO F 9 -7.13 8.92 6.28
C PRO F 9 -7.85 7.83 5.50
N GLY F 10 -7.10 7.12 4.68
CA GLY F 10 -7.65 5.96 4.02
C GLY F 10 -8.02 4.88 5.02
N MET F 11 -8.98 4.06 4.62
CA MET F 11 -9.40 2.94 5.46
C MET F 11 -8.34 1.85 5.44
N ARG F 12 -8.23 1.14 6.56
CA ARG F 12 -7.31 0.01 6.61
C ARG F 12 -7.67 -1.00 5.52
N GLY F 13 -6.66 -1.68 5.00
CA GLY F 13 -6.89 -2.63 3.93
C GLY F 13 -7.81 -3.76 4.37
N LEU F 14 -8.40 -4.41 3.36
CA LEU F 14 -9.20 -5.59 3.63
C LEU F 14 -8.30 -6.67 4.23
N PRO F 15 -8.84 -7.51 5.11
CA PRO F 15 -8.05 -8.62 5.65
C PRO F 15 -7.71 -9.62 4.55
N GLY F 16 -6.62 -10.35 4.78
CA GLY F 16 -6.28 -11.43 3.87
C GLY F 16 -7.34 -12.50 3.89
N ALA F 17 -7.47 -13.19 2.75
CA ALA F 17 -8.36 -14.34 2.66
C ALA F 17 -7.85 -15.47 3.54
N VAL F 18 -8.79 -16.32 3.98
CA VAL F 18 -8.43 -17.52 4.74
C VAL F 18 -7.49 -18.37 3.90
N GLY F 19 -6.51 -18.99 4.56
CA GLY F 19 -5.46 -19.70 3.87
C GLY F 19 -5.99 -20.86 3.05
N PRO F 20 -5.21 -21.30 2.04
CA PRO F 20 -5.65 -22.44 1.24
C PRO F 20 -5.69 -23.64 2.14
N GLY F 22 -5.43 -27.53 3.63
CA GLY F 22 -4.30 -28.43 3.70
C GLY F 22 -4.40 -29.61 2.75
N PRO F 23 -3.26 -30.12 2.31
CA PRO F 23 -3.25 -31.33 1.47
C PRO F 23 -3.60 -32.57 2.27
N GLY F 25 -3.36 -36.33 4.01
CA GLY F 25 -2.28 -36.95 4.75
C GLY F 25 -1.66 -38.09 3.98
N PRO F 26 -0.70 -38.80 4.59
CA PRO F 26 -0.06 -39.97 4.02
C PRO F 26 -0.95 -41.21 3.99
#